data_3CA8
#
_entry.id   3CA8
#
_cell.length_a   64.795
_cell.length_b   39.710
_cell.length_c   122.645
_cell.angle_alpha   90.00
_cell.angle_beta   96.34
_cell.angle_gamma   90.00
#
_symmetry.space_group_name_H-M   'P 1 21 1'
#
loop_
_entity.id
_entity.type
_entity.pdbx_description
1 polymer 'Protein ydcF'
2 non-polymer 'SULFATE ION'
3 non-polymer (4S)-2-METHYL-2,4-PENTANEDIOL
4 water water
#
_entity_poly.entity_id   1
_entity_poly.type   'polypeptide(L)'
_entity_poly.pdbx_seq_one_letter_code
;MNITPFPTLSPATIDAINVIGQWLAQDDFSGEVPYQADCVILAGNAVMPTIDAACKIARDQQIPLLISGGIGHSTTFLYS
AIAQHPHYNTIRTTGRAEATILADIAHQFWHIPHEKIWIEDQSTNCGENARFSIALLNQAVERVHTAIVVQDPTMQRRTM
ATFRRMTGDNPDAPRWLSYPGFVPQLGNNADSVIFINQLQGLWPVERYLSLLTGELPRLRDDSDGYGPRGRDFIVHVDFP
AEVIHAWQTLKHDAVLIEAMESRSLR
;
_entity_poly.pdbx_strand_id   A,B
#
# COMPACT_ATOMS: atom_id res chain seq x y z
N PRO A 5 18.86 12.16 46.35
CA PRO A 5 17.58 12.09 45.60
C PRO A 5 17.49 13.13 44.48
N PHE A 6 16.78 12.80 43.41
CA PHE A 6 16.64 13.73 42.26
C PHE A 6 15.95 15.02 42.73
N PRO A 7 16.55 16.20 42.43
CA PRO A 7 16.06 17.44 43.01
C PRO A 7 14.65 17.83 42.61
N THR A 8 13.96 18.57 43.47
CA THR A 8 12.69 19.21 43.11
C THR A 8 12.84 20.14 41.88
N LEU A 9 11.78 20.22 41.07
CA LEU A 9 11.77 21.01 39.82
C LEU A 9 10.63 22.01 39.82
N SER A 10 10.80 23.11 39.10
CA SER A 10 9.74 24.11 39.05
C SER A 10 8.52 23.51 38.40
N PRO A 11 7.34 23.93 38.86
CA PRO A 11 6.07 23.54 38.26
C PRO A 11 6.05 23.65 36.76
N ALA A 12 6.66 24.69 36.20
CA ALA A 12 6.72 24.84 34.77
C ALA A 12 7.48 23.69 34.13
N THR A 13 8.57 23.29 34.76
CA THR A 13 9.39 22.23 34.23
C THR A 13 8.67 20.89 34.37
N ILE A 14 8.04 20.66 35.48
CA ILE A 14 7.25 19.42 35.62
C ILE A 14 6.22 19.33 34.50
N ASP A 15 5.42 20.38 34.34
CA ASP A 15 4.42 20.47 33.26
C ASP A 15 5.03 20.16 31.90
N ALA A 16 6.17 20.77 31.58
CA ALA A 16 6.82 20.56 30.31
C ALA A 16 7.23 19.09 30.10
N ILE A 17 7.86 18.52 31.10
CA ILE A 17 8.26 17.08 31.02
C ILE A 17 7.00 16.26 30.71
N ASN A 18 5.92 16.56 31.42
CA ASN A 18 4.66 15.79 31.30
C ASN A 18 4.00 15.97 29.94
N VAL A 19 4.11 17.17 29.34
CA VAL A 19 3.65 17.38 27.99
C VAL A 19 4.41 16.53 26.98
N ILE A 20 5.73 16.48 27.09
CA ILE A 20 6.56 15.74 26.15
C ILE A 20 6.33 14.22 26.40
N GLY A 21 6.21 13.85 27.66
CA GLY A 21 5.94 12.43 28.00
C GLY A 21 4.65 11.95 27.36
N GLN A 22 3.60 12.75 27.52
CA GLN A 22 2.32 12.44 26.91
C GLN A 22 2.40 12.28 25.44
N TRP A 23 3.04 13.25 24.77
CA TRP A 23 3.18 13.21 23.32
C TRP A 23 3.93 11.97 22.84
N LEU A 24 4.98 11.57 23.54
CA LEU A 24 5.81 10.44 23.12
C LEU A 24 5.02 9.16 23.31
N ALA A 25 4.22 9.11 24.34
CA ALA A 25 3.40 7.88 24.61
C ALA A 25 2.11 7.72 23.76
N GLN A 26 1.48 8.83 23.43
CA GLN A 26 0.15 8.85 22.82
C GLN A 26 0.18 9.09 21.32
N ASP A 27 -0.14 8.04 20.59
CA ASP A 27 -0.22 8.04 19.13
C ASP A 27 -1.44 8.80 18.59
N ASP A 28 -1.23 9.97 18.00
CA ASP A 28 -2.35 10.75 17.46
C ASP A 28 -2.97 10.11 16.24
N PHE A 29 -2.12 9.58 15.36
CA PHE A 29 -2.52 9.02 14.09
C PHE A 29 -3.73 8.05 14.26
N SER A 30 -3.59 7.06 15.17
CA SER A 30 -4.65 6.02 15.39
C SER A 30 -5.72 6.47 16.41
N GLY A 31 -5.57 7.69 16.93
CA GLY A 31 -6.62 8.37 17.67
C GLY A 31 -7.12 7.54 18.83
N GLU A 32 -8.36 7.11 18.73
CA GLU A 32 -8.96 6.25 19.72
C GLU A 32 -9.79 5.15 19.05
N VAL A 33 -9.15 4.45 18.13
CA VAL A 33 -9.76 3.27 17.49
C VAL A 33 -9.70 2.15 18.55
N PRO A 34 -10.79 1.40 18.73
CA PRO A 34 -10.73 0.29 19.67
C PRO A 34 -9.58 -0.71 19.42
N TYR A 35 -9.02 -1.25 20.51
CA TYR A 35 -7.87 -2.14 20.46
C TYR A 35 -8.27 -3.60 20.22
N GLN A 36 -8.85 -3.86 19.05
CA GLN A 36 -9.25 -5.19 18.58
C GLN A 36 -8.29 -5.45 17.44
N ALA A 37 -7.43 -6.45 17.54
CA ALA A 37 -6.41 -6.65 16.53
C ALA A 37 -6.26 -8.12 16.27
N ASP A 38 -5.48 -8.42 15.25
CA ASP A 38 -5.11 -9.79 14.92
C ASP A 38 -3.83 -10.30 15.56
N CYS A 39 -3.05 -9.41 16.18
N CYS A 39 -3.06 -9.39 16.15
CA CYS A 39 -1.73 -9.76 16.77
CA CYS A 39 -1.89 -9.76 16.96
C CYS A 39 -1.23 -8.56 17.60
C CYS A 39 -1.43 -8.57 17.78
N VAL A 40 -0.46 -8.83 18.66
CA VAL A 40 0.13 -7.85 19.52
C VAL A 40 1.63 -8.00 19.32
N ILE A 41 2.34 -6.88 19.08
CA ILE A 41 3.76 -6.90 18.90
C ILE A 41 4.41 -6.27 20.14
N LEU A 42 5.23 -7.03 20.87
CA LEU A 42 5.96 -6.48 22.05
C LEU A 42 7.36 -6.16 21.58
N ALA A 43 7.65 -4.87 21.44
CA ALA A 43 9.01 -4.46 21.10
C ALA A 43 9.88 -4.54 22.33
N GLY A 44 11.05 -5.12 22.18
CA GLY A 44 11.94 -5.30 23.31
C GLY A 44 12.17 -4.07 24.13
N ASN A 45 11.93 -4.19 25.41
CA ASN A 45 12.14 -3.12 26.36
C ASN A 45 12.22 -3.68 27.77
N ALA A 46 12.42 -2.80 28.74
CA ALA A 46 12.63 -3.22 30.14
C ALA A 46 11.55 -2.79 31.15
N VAL A 47 10.45 -2.22 30.65
CA VAL A 47 9.47 -1.57 31.48
C VAL A 47 8.42 -2.65 31.73
N MET A 48 8.42 -3.19 32.92
CA MET A 48 7.56 -4.33 33.19
C MET A 48 6.03 -4.01 33.03
N PRO A 49 5.56 -2.83 33.46
CA PRO A 49 4.14 -2.51 33.18
C PRO A 49 3.78 -2.61 31.70
N THR A 50 4.71 -2.21 30.82
CA THR A 50 4.53 -2.28 29.37
C THR A 50 4.53 -3.70 28.85
N ILE A 51 5.45 -4.49 29.36
CA ILE A 51 5.61 -5.87 29.00
C ILE A 51 4.37 -6.63 29.46
N ASP A 52 3.89 -6.36 30.67
CA ASP A 52 2.64 -7.00 31.15
C ASP A 52 1.43 -6.54 30.34
N ALA A 53 1.42 -5.29 29.86
CA ALA A 53 0.29 -4.81 29.03
C ALA A 53 0.15 -5.67 27.76
N ALA A 54 1.30 -5.98 27.15
CA ALA A 54 1.33 -6.76 25.92
C ALA A 54 0.76 -8.20 26.17
N CYS A 55 1.25 -8.80 27.23
CA CYS A 55 0.84 -10.19 27.59
C CYS A 55 -0.63 -10.27 27.93
N LYS A 56 -1.13 -9.26 28.66
N LYS A 56 -1.14 -9.28 28.66
CA LYS A 56 -2.51 -9.20 29.10
CA LYS A 56 -2.54 -9.28 29.07
C LYS A 56 -3.48 -9.11 27.90
C LYS A 56 -3.47 -9.17 27.84
N ILE A 57 -3.17 -8.25 26.94
CA ILE A 57 -3.93 -8.16 25.69
C ILE A 57 -3.92 -9.46 24.88
N ALA A 58 -2.76 -10.09 24.70
CA ALA A 58 -2.67 -11.28 23.90
C ALA A 58 -3.46 -12.39 24.61
N ARG A 59 -3.40 -12.35 25.92
CA ARG A 59 -4.15 -13.35 26.70
C ARG A 59 -5.66 -13.13 26.60
N ASP A 60 -6.09 -11.91 26.91
CA ASP A 60 -7.50 -11.54 26.90
C ASP A 60 -8.16 -11.63 25.56
N GLN A 61 -7.48 -11.26 24.47
CA GLN A 61 -8.07 -11.31 23.12
C GLN A 61 -7.85 -12.58 22.40
N GLN A 62 -7.09 -13.50 23.04
CA GLN A 62 -6.67 -14.74 22.46
C GLN A 62 -6.08 -14.60 21.07
N ILE A 63 -5.15 -13.65 20.92
CA ILE A 63 -4.44 -13.47 19.69
C ILE A 63 -2.92 -13.74 19.87
N PRO A 64 -2.17 -13.94 18.75
CA PRO A 64 -0.76 -14.20 18.77
C PRO A 64 0.02 -13.00 19.32
N LEU A 65 1.07 -13.32 20.07
CA LEU A 65 1.97 -12.32 20.62
C LEU A 65 3.30 -12.47 19.94
N LEU A 66 3.76 -11.43 19.24
CA LEU A 66 5.00 -11.52 18.48
C LEU A 66 5.97 -10.66 19.29
N ILE A 67 7.07 -11.26 19.74
CA ILE A 67 8.00 -10.62 20.65
C ILE A 67 9.28 -10.41 19.89
N SER A 68 9.67 -9.14 19.79
CA SER A 68 10.72 -8.70 18.89
C SER A 68 11.81 -8.03 19.68
N GLY A 69 12.97 -8.67 19.70
CA GLY A 69 14.12 -8.11 20.33
C GLY A 69 15.23 -9.07 20.54
N GLY A 70 16.40 -8.70 20.02
CA GLY A 70 17.59 -9.52 20.17
C GLY A 70 18.53 -8.99 21.25
N ILE A 71 19.61 -8.35 20.80
CA ILE A 71 20.56 -7.70 21.67
C ILE A 71 20.82 -6.28 21.22
N GLY A 72 20.52 -5.33 22.08
CA GLY A 72 20.84 -3.92 21.75
C GLY A 72 20.85 -3.08 23.00
N HIS A 73 20.53 -1.78 22.86
CA HIS A 73 20.70 -0.83 23.94
C HIS A 73 19.90 -1.09 25.22
N SER A 74 18.74 -1.67 25.07
CA SER A 74 17.89 -1.91 26.23
C SER A 74 18.13 -3.28 26.93
N THR A 75 19.04 -4.10 26.41
CA THR A 75 19.16 -5.53 26.83
C THR A 75 19.61 -5.63 28.28
N THR A 76 20.67 -4.90 28.65
CA THR A 76 21.17 -5.00 30.01
C THR A 76 20.16 -4.36 30.97
N PHE A 77 19.40 -3.35 30.55
CA PHE A 77 18.28 -2.84 31.40
C PHE A 77 17.23 -3.90 31.68
N LEU A 78 16.87 -4.67 30.67
CA LEU A 78 15.93 -5.74 30.84
C LEU A 78 16.45 -6.75 31.80
N TYR A 79 17.73 -7.09 31.70
CA TYR A 79 18.33 -8.05 32.62
C TYR A 79 18.15 -7.58 34.07
N SER A 80 18.49 -6.32 34.33
CA SER A 80 18.28 -5.72 35.67
C SER A 80 16.81 -5.68 36.12
N ALA A 81 15.90 -5.44 35.17
CA ALA A 81 14.52 -5.24 35.50
C ALA A 81 13.97 -6.62 35.88
N ILE A 82 14.47 -7.67 35.26
CA ILE A 82 13.96 -9.06 35.63
C ILE A 82 14.44 -9.40 37.05
N ALA A 83 15.71 -9.16 37.30
CA ALA A 83 16.39 -9.54 38.54
C ALA A 83 15.80 -8.87 39.78
N GLN A 84 15.27 -7.65 39.61
CA GLN A 84 14.60 -6.92 40.72
C GLN A 84 13.09 -7.16 40.78
N HIS A 85 12.55 -7.99 39.89
CA HIS A 85 11.11 -8.14 39.84
C HIS A 85 10.74 -9.20 40.88
N PRO A 86 9.75 -8.92 41.71
CA PRO A 86 9.37 -9.88 42.74
C PRO A 86 8.84 -11.26 42.28
N HIS A 87 8.41 -11.40 41.00
CA HIS A 87 7.98 -12.72 40.49
C HIS A 87 8.90 -13.23 39.39
N TYR A 88 9.43 -12.32 38.58
CA TYR A 88 10.15 -12.74 37.36
C TYR A 88 11.63 -13.00 37.55
N ASN A 89 12.15 -12.82 38.76
CA ASN A 89 13.50 -13.13 39.12
C ASN A 89 13.96 -14.56 38.87
N THR A 90 13.01 -15.51 38.76
CA THR A 90 13.32 -16.86 38.38
C THR A 90 13.72 -17.09 36.91
N ILE A 91 13.59 -16.07 36.07
CA ILE A 91 13.85 -16.16 34.63
C ILE A 91 15.34 -15.87 34.41
N ARG A 92 16.06 -16.74 33.71
CA ARG A 92 17.49 -16.57 33.43
C ARG A 92 17.66 -15.38 32.47
N THR A 93 18.67 -14.55 32.68
CA THR A 93 18.86 -13.36 31.84
C THR A 93 20.17 -13.31 31.05
N THR A 94 21.30 -13.19 31.73
CA THR A 94 22.57 -12.87 31.07
C THR A 94 22.84 -13.78 29.88
N GLY A 95 23.25 -13.19 28.76
CA GLY A 95 23.49 -13.97 27.55
C GLY A 95 22.32 -14.36 26.65
N ARG A 96 21.08 -14.14 27.07
CA ARG A 96 19.90 -14.47 26.27
C ARG A 96 19.43 -13.25 25.57
N ALA A 97 18.81 -13.46 24.42
CA ALA A 97 18.12 -12.40 23.73
C ALA A 97 16.94 -11.87 24.55
N GLU A 98 16.63 -10.61 24.32
CA GLU A 98 15.40 -10.01 24.90
C GLU A 98 14.14 -10.84 24.68
N ALA A 99 13.90 -11.25 23.45
CA ALA A 99 12.60 -11.85 23.17
C ALA A 99 12.50 -13.20 23.86
N THR A 100 13.61 -13.87 24.08
CA THR A 100 13.59 -15.21 24.74
C THR A 100 13.12 -15.07 26.19
N ILE A 101 13.62 -14.05 26.84
CA ILE A 101 13.34 -13.72 28.25
C ILE A 101 11.89 -13.29 28.37
N LEU A 102 11.46 -12.43 27.47
CA LEU A 102 10.09 -11.91 27.48
C LEU A 102 9.06 -13.01 27.18
N ALA A 103 9.45 -13.96 26.36
CA ALA A 103 8.59 -15.17 26.12
C ALA A 103 8.44 -16.00 27.36
N ASP A 104 9.43 -16.01 28.25
CA ASP A 104 9.27 -16.73 29.52
C ASP A 104 8.23 -16.07 30.41
N ILE A 105 8.20 -14.73 30.44
CA ILE A 105 7.13 -14.06 31.13
C ILE A 105 5.77 -14.40 30.53
N ALA A 106 5.69 -14.35 29.19
CA ALA A 106 4.43 -14.60 28.49
C ALA A 106 3.91 -16.01 28.80
N HIS A 107 4.81 -16.98 28.73
CA HIS A 107 4.40 -18.37 28.89
C HIS A 107 4.38 -18.80 30.33
N GLN A 108 5.46 -18.53 31.07
CA GLN A 108 5.53 -19.03 32.45
C GLN A 108 4.57 -18.35 33.43
N PHE A 109 4.38 -17.05 33.28
CA PHE A 109 3.63 -16.25 34.19
C PHE A 109 2.25 -15.83 33.67
N TRP A 110 2.11 -15.60 32.38
CA TRP A 110 0.77 -15.26 31.87
C TRP A 110 0.03 -16.46 31.25
N HIS A 111 0.71 -17.58 31.16
CA HIS A 111 0.14 -18.86 30.73
C HIS A 111 -0.32 -18.82 29.28
N ILE A 112 0.30 -17.96 28.48
CA ILE A 112 0.09 -17.97 27.04
C ILE A 112 0.75 -19.20 26.42
N PRO A 113 -0.02 -19.99 25.64
CA PRO A 113 0.55 -21.17 25.00
C PRO A 113 1.70 -20.90 24.06
N HIS A 114 2.62 -21.84 23.99
CA HIS A 114 3.72 -21.78 23.05
C HIS A 114 3.29 -21.46 21.62
N GLU A 115 2.20 -22.09 21.20
CA GLU A 115 1.69 -21.96 19.85
C GLU A 115 1.16 -20.56 19.54
N LYS A 116 1.03 -19.72 20.57
CA LYS A 116 0.57 -18.37 20.41
C LYS A 116 1.67 -17.34 20.63
N ILE A 117 2.89 -17.78 20.81
CA ILE A 117 4.03 -16.86 21.01
C ILE A 117 4.96 -17.02 19.82
N TRP A 118 5.23 -15.92 19.12
CA TRP A 118 6.15 -15.91 17.97
C TRP A 118 7.37 -15.12 18.39
N ILE A 119 8.55 -15.70 18.28
CA ILE A 119 9.79 -15.10 18.82
C ILE A 119 10.72 -14.59 17.71
N GLU A 120 10.98 -13.29 17.73
CA GLU A 120 11.90 -12.66 16.81
C GLU A 120 13.03 -12.19 17.70
N ASP A 121 14.13 -12.94 17.70
CA ASP A 121 15.16 -12.76 18.71
C ASP A 121 16.50 -12.28 18.15
N GLN A 122 16.48 -11.49 17.07
CA GLN A 122 17.76 -11.15 16.39
C GLN A 122 17.93 -9.64 16.16
N SER A 123 16.84 -8.89 16.26
CA SER A 123 16.87 -7.40 16.05
C SER A 123 17.76 -6.67 17.08
N THR A 124 18.49 -5.65 16.61
CA THR A 124 19.43 -4.96 17.49
C THR A 124 19.10 -3.47 17.76
N ASN A 125 17.96 -3.02 17.26
CA ASN A 125 17.52 -1.67 17.42
C ASN A 125 16.13 -1.58 16.90
N CYS A 126 15.53 -0.41 17.12
N CYS A 126 15.50 -0.42 17.12
CA CYS A 126 14.16 -0.12 16.75
CA CYS A 126 14.10 -0.19 16.73
C CYS A 126 13.78 -0.40 15.27
C CYS A 126 13.79 -0.46 15.24
N GLY A 127 14.64 0.01 14.35
CA GLY A 127 14.42 -0.19 12.94
C GLY A 127 14.35 -1.70 12.62
N GLU A 128 15.16 -2.51 13.29
CA GLU A 128 15.20 -3.94 13.04
C GLU A 128 14.05 -4.67 13.75
N ASN A 129 13.65 -4.19 14.93
CA ASN A 129 12.43 -4.68 15.62
C ASN A 129 11.27 -4.58 14.64
N ALA A 130 11.11 -3.41 14.04
CA ALA A 130 10.04 -3.23 13.10
C ALA A 130 10.24 -3.97 11.81
N ARG A 131 11.43 -3.89 11.21
CA ARG A 131 11.61 -4.54 9.90
C ARG A 131 11.39 -6.07 10.02
N PHE A 132 11.93 -6.63 11.07
CA PHE A 132 11.95 -8.09 11.22
C PHE A 132 10.57 -8.55 11.63
N SER A 133 9.83 -7.74 12.43
CA SER A 133 8.44 -8.05 12.81
C SER A 133 7.54 -8.00 11.57
N ILE A 134 7.76 -7.03 10.69
CA ILE A 134 7.01 -7.01 9.45
C ILE A 134 7.31 -8.25 8.57
N ALA A 135 8.58 -8.68 8.48
CA ALA A 135 8.99 -9.82 7.72
C ALA A 135 8.24 -11.04 8.22
N LEU A 136 8.17 -11.21 9.53
CA LEU A 136 7.49 -12.38 10.12
C LEU A 136 6.00 -12.33 9.89
N LEU A 137 5.40 -11.16 10.05
CA LEU A 137 3.98 -10.97 9.80
C LEU A 137 3.59 -11.29 8.35
N ASN A 138 4.50 -11.03 7.41
CA ASN A 138 4.24 -11.18 5.97
C ASN A 138 4.31 -12.66 5.59
N GLN A 139 4.85 -13.48 6.47
CA GLN A 139 4.94 -14.92 6.29
C GLN A 139 3.71 -15.60 6.79
N ALA A 140 2.76 -14.80 7.31
CA ALA A 140 1.60 -15.25 8.04
C ALA A 140 0.76 -16.26 7.30
N VAL A 141 0.58 -17.38 8.00
CA VAL A 141 -0.59 -18.23 7.91
C VAL A 141 -1.91 -17.45 7.74
N GLU A 142 -2.55 -17.15 8.88
CA GLU A 142 -3.77 -16.37 8.90
C GLU A 142 -3.28 -14.92 8.80
N ARG A 143 -3.65 -14.27 7.70
N ARG A 143 -3.66 -14.26 7.70
CA ARG A 143 -3.20 -12.91 7.37
CA ARG A 143 -3.17 -12.91 7.37
C ARG A 143 -3.52 -11.89 8.47
C ARG A 143 -3.53 -11.86 8.42
N VAL A 144 -2.54 -11.07 8.83
CA VAL A 144 -2.72 -10.01 9.84
C VAL A 144 -3.05 -8.66 9.22
N HIS A 145 -4.21 -8.11 9.59
CA HIS A 145 -4.63 -6.81 9.08
C HIS A 145 -4.37 -5.67 10.03
N THR A 146 -4.43 -5.96 11.33
CA THR A 146 -4.24 -4.94 12.34
C THR A 146 -3.36 -5.52 13.42
N ALA A 147 -2.38 -4.75 13.87
CA ALA A 147 -1.49 -5.23 14.94
C ALA A 147 -1.36 -4.11 15.96
N ILE A 148 -1.38 -4.47 17.23
CA ILE A 148 -1.13 -3.54 18.34
C ILE A 148 0.36 -3.57 18.71
N VAL A 149 1.00 -2.40 18.66
CA VAL A 149 2.42 -2.29 18.94
C VAL A 149 2.59 -1.74 20.36
N VAL A 150 3.33 -2.54 21.16
CA VAL A 150 3.54 -2.25 22.57
C VAL A 150 5.06 -2.00 22.77
N GLN A 151 5.38 -0.76 23.16
CA GLN A 151 6.76 -0.30 23.36
C GLN A 151 6.89 0.59 24.64
N ASP A 152 8.06 0.66 25.25
CA ASP A 152 8.40 1.67 26.29
C ASP A 152 7.78 2.99 25.85
N PRO A 153 6.96 3.63 26.70
CA PRO A 153 6.28 4.86 26.41
C PRO A 153 7.15 5.96 25.81
N THR A 154 8.42 5.98 26.19
CA THR A 154 9.31 7.06 25.69
C THR A 154 9.62 6.87 24.23
N MET A 155 9.64 5.62 23.79
CA MET A 155 10.01 5.24 22.43
C MET A 155 8.81 4.86 21.59
N GLN A 156 7.62 4.97 22.15
CA GLN A 156 6.41 4.63 21.38
C GLN A 156 6.28 5.43 20.09
N ARG A 157 6.43 6.75 20.16
CA ARG A 157 6.24 7.56 18.98
C ARG A 157 7.23 7.21 17.88
N ARG A 158 8.51 7.12 18.22
CA ARG A 158 9.51 6.69 17.25
C ARG A 158 9.20 5.33 16.63
N THR A 159 8.74 4.39 17.43
CA THR A 159 8.49 3.09 16.96
C THR A 159 7.35 3.04 15.97
N MET A 160 6.25 3.71 16.28
CA MET A 160 5.15 3.79 15.34
C MET A 160 5.59 4.52 14.04
N ALA A 161 6.34 5.60 14.14
CA ALA A 161 6.82 6.25 12.92
C ALA A 161 7.82 5.39 12.06
N THR A 162 8.44 4.41 12.69
CA THR A 162 9.34 3.47 12.04
C THR A 162 8.49 2.44 11.26
N PHE A 163 7.54 1.82 11.94
CA PHE A 163 6.61 0.91 11.30
C PHE A 163 5.93 1.61 10.12
N ARG A 164 5.45 2.84 10.32
CA ARG A 164 4.74 3.58 9.25
C ARG A 164 5.63 4.00 8.05
N ARG A 165 6.94 4.12 8.30
CA ARG A 165 7.94 4.43 7.23
C ARG A 165 7.99 3.21 6.29
N MET A 166 7.91 2.04 6.88
CA MET A 166 8.08 0.80 6.16
C MET A 166 6.86 0.39 5.35
N THR A 167 5.66 0.61 5.87
CA THR A 167 4.45 0.13 5.21
C THR A 167 3.48 1.23 4.75
N GLY A 168 3.65 2.45 5.26
CA GLY A 168 2.57 3.45 5.27
C GLY A 168 1.37 3.01 6.12
N ASP A 169 0.33 3.83 6.15
CA ASP A 169 -0.84 3.49 6.95
C ASP A 169 -1.99 4.34 6.52
N ASN A 170 -3.19 3.99 6.98
CA ASN A 170 -4.37 4.77 6.62
C ASN A 170 -4.98 5.38 7.87
N PRO A 171 -5.02 6.72 7.95
CA PRO A 171 -5.60 7.42 9.07
C PRO A 171 -7.06 7.11 9.32
N ASP A 172 -7.77 6.60 8.32
CA ASP A 172 -9.17 6.21 8.50
C ASP A 172 -9.32 4.76 8.90
N ALA A 173 -8.21 4.05 8.92
CA ALA A 173 -8.18 2.62 9.17
C ALA A 173 -6.79 2.20 9.50
N PRO A 174 -6.27 2.62 10.65
CA PRO A 174 -4.88 2.27 10.95
C PRO A 174 -4.64 0.77 11.12
N ARG A 175 -3.64 0.24 10.42
CA ARG A 175 -3.18 -1.14 10.58
C ARG A 175 -2.26 -1.32 11.81
N TRP A 176 -1.57 -0.24 12.19
CA TRP A 176 -0.72 -0.23 13.38
C TRP A 176 -1.42 0.58 14.48
N LEU A 177 -1.80 -0.11 15.57
CA LEU A 177 -2.34 0.55 16.74
C LEU A 177 -1.24 0.62 17.82
N SER A 178 -1.37 1.58 18.73
CA SER A 178 -0.33 1.88 19.69
C SER A 178 -0.82 1.79 21.11
N TYR A 179 -0.16 0.99 21.91
CA TYR A 179 -0.53 0.78 23.32
C TYR A 179 0.70 0.55 24.19
N PRO A 180 1.36 1.65 24.67
CA PRO A 180 2.49 1.47 25.54
C PRO A 180 2.10 0.98 26.93
N GLY A 181 0.84 1.12 27.31
CA GLY A 181 0.32 0.64 28.60
C GLY A 181 -0.03 1.71 29.63
N PHE A 182 0.63 2.87 29.52
CA PHE A 182 0.43 3.97 30.43
C PHE A 182 1.08 5.25 29.85
N VAL A 183 0.74 6.37 30.46
CA VAL A 183 1.23 7.70 30.10
C VAL A 183 2.09 8.22 31.25
N PRO A 184 3.44 8.25 31.08
CA PRO A 184 4.28 8.56 32.24
C PRO A 184 4.07 9.97 32.72
N GLN A 185 3.97 10.13 34.04
CA GLN A 185 3.74 11.45 34.67
C GLN A 185 4.59 11.59 35.92
N LEU A 186 5.29 12.72 36.02
CA LEU A 186 6.12 13.06 37.15
C LEU A 186 5.45 14.17 37.95
N GLY A 187 5.91 14.29 39.19
CA GLY A 187 5.49 15.36 40.07
C GLY A 187 6.49 15.50 41.21
N ASN A 188 6.41 16.63 41.91
CA ASN A 188 7.28 16.88 43.05
C ASN A 188 6.64 16.24 44.28
N ASN A 189 7.48 15.63 45.11
CA ASN A 189 7.08 15.14 46.44
C ASN A 189 8.28 15.14 47.42
N ALA A 190 8.10 15.70 48.60
CA ALA A 190 9.16 15.67 49.66
C ALA A 190 10.60 15.92 49.17
N ASP A 191 10.84 17.11 48.66
CA ASP A 191 12.17 17.52 48.21
C ASP A 191 12.76 16.60 47.13
N SER A 192 11.92 15.99 46.30
CA SER A 192 12.40 15.24 45.13
C SER A 192 11.30 15.13 44.08
N VAL A 193 11.65 14.54 42.92
CA VAL A 193 10.70 14.24 41.83
C VAL A 193 10.41 12.73 41.84
N ILE A 194 9.15 12.36 41.61
CA ILE A 194 8.67 10.95 41.67
C ILE A 194 7.68 10.74 40.50
N PHE A 195 7.42 9.49 40.13
CA PHE A 195 6.35 9.23 39.18
C PHE A 195 5.05 9.24 39.90
N ILE A 196 4.05 9.81 39.28
CA ILE A 196 2.70 9.79 39.82
C ILE A 196 1.99 8.47 39.47
N ASN A 197 2.36 7.85 38.34
CA ASN A 197 1.81 6.48 38.01
C ASN A 197 2.16 5.55 39.18
N GLN A 198 1.14 4.86 39.70
CA GLN A 198 1.36 3.92 40.75
C GLN A 198 1.62 2.54 40.18
N LEU A 199 2.80 2.41 39.59
CA LEU A 199 3.26 1.21 38.94
C LEU A 199 4.67 0.85 39.38
N GLN A 200 4.90 -0.46 39.55
CA GLN A 200 6.22 -1.00 39.85
C GLN A 200 7.06 -1.17 38.57
N GLY A 201 8.37 -1.06 38.72
CA GLY A 201 9.24 -1.35 37.61
C GLY A 201 9.53 -0.19 36.68
N LEU A 202 9.21 1.05 37.07
CA LEU A 202 9.46 2.20 36.21
C LEU A 202 10.96 2.55 36.19
N TRP A 203 11.42 3.23 35.14
CA TRP A 203 12.80 3.72 35.10
C TRP A 203 13.03 4.63 36.30
N PRO A 204 14.29 4.72 36.80
CA PRO A 204 14.68 5.82 37.63
C PRO A 204 14.42 7.11 36.85
N VAL A 205 14.03 8.16 37.54
CA VAL A 205 13.70 9.44 36.92
C VAL A 205 14.84 9.92 35.98
N GLU A 206 16.08 9.79 36.42
CA GLU A 206 17.23 10.18 35.60
C GLU A 206 17.29 9.45 34.25
N ARG A 207 16.98 8.15 34.26
CA ARG A 207 16.96 7.32 33.06
C ARG A 207 15.80 7.71 32.15
N TYR A 208 14.62 7.94 32.73
CA TYR A 208 13.43 8.35 31.99
C TYR A 208 13.74 9.70 31.29
N LEU A 209 14.30 10.61 32.03
CA LEU A 209 14.63 11.92 31.42
C LEU A 209 15.69 11.85 30.32
N SER A 210 16.71 11.02 30.49
CA SER A 210 17.67 10.77 29.40
C SER A 210 17.01 10.19 28.11
N LEU A 211 16.11 9.22 28.30
CA LEU A 211 15.37 8.62 27.18
C LEU A 211 14.53 9.70 26.47
N LEU A 212 13.76 10.42 27.29
CA LEU A 212 12.72 11.33 26.82
C LEU A 212 13.43 12.42 26.03
N THR A 213 14.47 12.95 26.63
CA THR A 213 15.22 13.98 25.91
C THR A 213 16.05 13.46 24.76
N GLY A 214 16.45 12.18 24.77
CA GLY A 214 17.14 11.54 23.63
C GLY A 214 16.30 11.31 22.37
N GLU A 215 15.00 11.22 22.58
CA GLU A 215 14.08 10.93 21.49
C GLU A 215 13.83 12.19 20.62
N LEU A 216 13.89 13.37 21.24
CA LEU A 216 13.41 14.58 20.58
C LEU A 216 14.25 14.87 19.34
N PRO A 217 15.58 14.90 19.48
CA PRO A 217 16.40 15.11 18.25
C PRO A 217 16.33 14.01 17.17
N ARG A 218 15.99 12.80 17.56
CA ARG A 218 15.73 11.75 16.59
C ARG A 218 14.45 11.98 15.81
N LEU A 219 13.42 12.44 16.51
CA LEU A 219 12.14 12.67 15.91
C LEU A 219 12.12 13.89 15.01
N ARG A 220 12.95 14.88 15.38
CA ARG A 220 13.05 16.17 14.67
C ARG A 220 13.52 15.99 13.23
N ASP A 221 12.72 16.42 12.26
CA ASP A 221 12.99 16.18 10.82
C ASP A 221 13.88 17.22 10.20
N ASP A 222 15.13 17.18 10.65
CA ASP A 222 16.20 17.98 10.11
C ASP A 222 17.37 17.07 9.73
N SER A 223 18.47 17.65 9.26
CA SER A 223 19.57 16.82 8.76
C SER A 223 20.21 15.91 9.80
N ASP A 224 19.98 16.17 11.09
CA ASP A 224 20.57 15.36 12.16
C ASP A 224 19.56 14.35 12.74
N GLY A 225 18.33 14.40 12.27
CA GLY A 225 17.24 13.55 12.80
C GLY A 225 17.10 12.24 12.03
N TYR A 226 16.16 11.39 12.49
CA TYR A 226 15.89 10.11 11.83
C TYR A 226 14.87 10.21 10.68
N GLY A 227 14.35 11.39 10.40
CA GLY A 227 13.28 11.55 9.42
C GLY A 227 13.79 11.59 7.99
N PRO A 228 12.90 11.85 7.02
CA PRO A 228 13.23 11.99 5.58
C PRO A 228 14.38 12.97 5.27
N ARG A 229 14.51 14.05 6.02
CA ARG A 229 15.62 15.01 5.80
C ARG A 229 16.92 14.59 6.51
N GLY A 230 16.87 13.50 7.28
CA GLY A 230 18.07 12.94 7.91
C GLY A 230 18.34 11.50 7.51
N ARG A 231 18.24 10.59 8.46
CA ARG A 231 18.62 9.21 8.21
C ARG A 231 17.60 8.43 7.38
N ASP A 232 16.36 8.97 7.29
CA ASP A 232 15.25 8.37 6.56
C ASP A 232 14.81 7.02 7.13
N PHE A 233 14.92 6.90 8.46
CA PHE A 233 14.48 5.71 9.21
C PHE A 233 13.01 5.78 9.57
N ILE A 234 12.49 6.99 9.72
CA ILE A 234 11.07 7.18 10.16
C ILE A 234 10.37 8.21 9.28
N VAL A 235 9.05 8.23 9.36
CA VAL A 235 8.26 9.22 8.62
C VAL A 235 8.50 10.62 9.22
N HIS A 236 8.11 11.65 8.48
CA HIS A 236 8.13 13.02 8.99
C HIS A 236 7.23 13.16 10.21
N VAL A 237 7.79 13.72 11.28
CA VAL A 237 7.08 13.96 12.50
C VAL A 237 6.77 15.46 12.60
N ASP A 238 5.51 15.83 12.78
CA ASP A 238 5.14 17.24 13.01
C ASP A 238 5.08 17.50 14.49
N PHE A 239 5.92 18.41 14.96
CA PHE A 239 5.98 18.73 16.40
C PHE A 239 4.89 19.76 16.70
N PRO A 240 3.97 19.45 17.64
CA PRO A 240 3.04 20.45 18.13
C PRO A 240 3.78 21.63 18.78
N ALA A 241 3.16 22.80 18.70
CA ALA A 241 3.74 24.00 19.29
C ALA A 241 3.88 23.83 20.82
N GLU A 242 2.97 23.11 21.47
CA GLU A 242 3.05 22.83 22.92
C GLU A 242 4.30 22.01 23.27
N VAL A 243 4.64 21.07 22.42
CA VAL A 243 5.84 20.26 22.63
C VAL A 243 7.12 21.06 22.40
N ILE A 244 7.14 21.87 21.37
CA ILE A 244 8.28 22.77 21.19
C ILE A 244 8.51 23.71 22.39
N HIS A 245 7.45 24.36 22.88
CA HIS A 245 7.53 25.14 24.11
C HIS A 245 8.05 24.33 25.29
N ALA A 246 7.54 23.11 25.45
CA ALA A 246 7.99 22.27 26.55
C ALA A 246 9.46 21.95 26.42
N TRP A 247 9.92 21.60 25.22
CA TRP A 247 11.32 21.28 24.94
C TRP A 247 12.23 22.52 25.20
N GLN A 248 11.80 23.69 24.78
CA GLN A 248 12.56 24.91 25.12
C GLN A 248 12.64 25.15 26.63
N THR A 249 11.54 24.91 27.35
CA THR A 249 11.50 25.07 28.80
C THR A 249 12.55 24.16 29.45
N LEU A 250 12.64 22.92 28.98
CA LEU A 250 13.67 22.03 29.53
C LEU A 250 15.09 22.52 29.24
N LYS A 251 15.30 22.94 28.01
CA LYS A 251 16.62 23.38 27.56
C LYS A 251 17.09 24.59 28.35
N HIS A 252 16.16 25.35 28.93
CA HIS A 252 16.51 26.55 29.69
C HIS A 252 16.52 26.36 31.18
N ASP A 253 16.25 25.13 31.66
CA ASP A 253 16.16 24.90 33.09
C ASP A 253 17.49 24.47 33.67
N ALA A 254 18.16 25.40 34.35
CA ALA A 254 19.50 25.15 34.86
C ALA A 254 19.55 24.08 35.97
N VAL A 255 18.53 24.06 36.82
CA VAL A 255 18.45 23.06 37.89
C VAL A 255 18.40 21.69 37.25
N LEU A 256 17.50 21.54 36.29
CA LEU A 256 17.43 20.30 35.49
C LEU A 256 18.70 19.87 34.79
N ILE A 257 19.39 20.76 34.08
CA ILE A 257 20.62 20.38 33.41
C ILE A 257 21.64 19.86 34.44
N GLU A 258 21.76 20.61 35.55
CA GLU A 258 22.67 20.25 36.62
C GLU A 258 22.38 18.82 37.13
N ALA A 259 21.11 18.54 37.37
CA ALA A 259 20.66 17.21 37.84
C ALA A 259 21.04 16.12 36.84
N MET A 260 20.76 16.37 35.57
N MET A 260 20.71 16.33 35.57
CA MET A 260 20.96 15.39 34.50
CA MET A 260 21.00 15.34 34.55
C MET A 260 22.43 15.14 34.10
C MET A 260 22.49 15.09 34.38
N GLU A 261 23.27 16.15 34.24
CA GLU A 261 24.65 16.02 33.85
C GLU A 261 25.56 15.60 34.99
N SER A 262 25.15 15.76 36.24
CA SER A 262 26.01 15.35 37.37
C SER A 262 25.76 13.90 37.81
N ARG A 263 24.75 13.27 37.21
CA ARG A 263 24.31 11.90 37.57
C ARG A 263 24.46 10.90 36.45
N SER A 264 24.20 9.64 36.83
CA SER A 264 24.06 8.52 35.89
C SER A 264 22.69 8.61 35.21
N LEU A 265 22.72 8.75 33.88
CA LEU A 265 21.53 8.94 33.07
C LEU A 265 20.90 7.62 32.60
N PRO B 5 -11.91 2.30 -49.63
CA PRO B 5 -11.16 1.95 -48.42
C PRO B 5 -10.42 3.16 -47.85
N PHE B 6 -9.61 2.96 -46.80
CA PHE B 6 -8.81 4.06 -46.28
C PHE B 6 -7.63 4.32 -47.22
N PRO B 7 -7.36 5.60 -47.54
CA PRO B 7 -6.29 6.01 -48.47
C PRO B 7 -4.91 5.47 -48.13
N THR B 8 -4.09 5.26 -49.16
CA THR B 8 -2.69 4.96 -48.97
C THR B 8 -1.99 6.06 -48.17
N LEU B 9 -1.18 5.67 -47.18
CA LEU B 9 -0.37 6.62 -46.39
C LEU B 9 1.11 6.38 -46.65
N SER B 10 1.91 7.42 -46.43
CA SER B 10 3.36 7.29 -46.61
C SER B 10 3.94 6.28 -45.62
N PRO B 11 5.00 5.57 -46.03
CA PRO B 11 5.66 4.66 -45.14
C PRO B 11 6.02 5.32 -43.80
N ALA B 12 6.45 6.60 -43.83
CA ALA B 12 6.83 7.31 -42.62
C ALA B 12 5.67 7.38 -41.64
N THR B 13 4.49 7.67 -42.16
CA THR B 13 3.31 7.85 -41.34
C THR B 13 2.84 6.48 -40.83
N ILE B 14 2.95 5.47 -41.68
CA ILE B 14 2.57 4.10 -41.28
C ILE B 14 3.45 3.60 -40.12
N ASP B 15 4.74 3.87 -40.21
CA ASP B 15 5.67 3.57 -39.11
C ASP B 15 5.32 4.28 -37.80
N ALA B 16 5.02 5.57 -37.90
CA ALA B 16 4.63 6.35 -36.75
C ALA B 16 3.32 5.83 -36.10
N ILE B 17 2.31 5.56 -36.91
CA ILE B 17 1.10 4.90 -36.40
C ILE B 17 1.44 3.59 -35.65
N ASN B 18 2.30 2.76 -36.24
CA ASN B 18 2.65 1.50 -35.61
C ASN B 18 3.48 1.65 -34.31
N VAL B 19 4.33 2.64 -34.25
CA VAL B 19 5.05 2.92 -33.02
C VAL B 19 4.12 3.33 -31.91
N ILE B 20 3.18 4.24 -32.22
CA ILE B 20 2.18 4.70 -31.22
C ILE B 20 1.27 3.55 -30.77
N GLY B 21 0.75 2.81 -31.74
CA GLY B 21 -0.05 1.61 -31.47
C GLY B 21 0.59 0.55 -30.60
N GLN B 22 1.86 0.25 -30.88
CA GLN B 22 2.61 -0.67 -30.03
C GLN B 22 2.67 -0.18 -28.60
N TRP B 23 3.04 1.09 -28.44
CA TRP B 23 3.14 1.70 -27.12
C TRP B 23 1.85 1.67 -26.32
N LEU B 24 0.71 1.92 -26.98
CA LEU B 24 -0.57 1.95 -26.26
C LEU B 24 -0.94 0.53 -25.84
N ALA B 25 -0.57 -0.44 -26.66
CA ALA B 25 -0.89 -1.86 -26.38
C ALA B 25 -0.01 -2.54 -25.32
N GLN B 26 1.26 -2.15 -25.25
CA GLN B 26 2.27 -2.88 -24.50
C GLN B 26 2.68 -2.14 -23.24
N ASP B 27 2.37 -2.76 -22.10
CA ASP B 27 2.64 -2.23 -20.75
C ASP B 27 4.09 -2.47 -20.29
N ASP B 28 4.93 -1.45 -20.37
CA ASP B 28 6.35 -1.61 -20.02
C ASP B 28 6.58 -1.78 -18.51
N PHE B 29 5.74 -1.17 -17.69
CA PHE B 29 5.76 -1.40 -16.23
C PHE B 29 5.89 -2.90 -15.86
N SER B 30 4.97 -3.74 -16.37
CA SER B 30 4.93 -5.18 -16.05
C SER B 30 5.79 -6.05 -17.00
N GLY B 31 6.13 -5.49 -18.16
CA GLY B 31 7.12 -6.06 -19.09
C GLY B 31 6.92 -7.49 -19.59
N GLU B 32 7.50 -8.44 -18.88
CA GLU B 32 7.55 -9.85 -19.30
C GLU B 32 7.23 -10.82 -18.15
N VAL B 33 6.53 -10.33 -17.14
CA VAL B 33 6.11 -11.19 -16.03
C VAL B 33 5.15 -12.27 -16.59
N PRO B 34 5.44 -13.56 -16.37
CA PRO B 34 4.49 -14.60 -16.79
C PRO B 34 3.06 -14.31 -16.34
N TYR B 35 2.08 -14.69 -17.18
CA TYR B 35 0.67 -14.39 -16.94
C TYR B 35 -0.01 -15.50 -16.13
N GLN B 36 0.43 -15.69 -14.91
CA GLN B 36 -0.17 -16.58 -13.95
C GLN B 36 -0.80 -15.64 -12.94
N ALA B 37 -2.13 -15.68 -12.81
CA ALA B 37 -2.86 -14.67 -12.04
C ALA B 37 -3.87 -15.37 -11.21
N ASP B 38 -4.51 -14.60 -10.33
CA ASP B 38 -5.66 -15.08 -9.54
C ASP B 38 -7.01 -14.74 -10.17
N CYS B 39 -7.01 -13.86 -11.19
N CYS B 39 -7.00 -13.86 -11.17
CA CYS B 39 -8.25 -13.36 -11.81
CA CYS B 39 -8.20 -13.57 -11.95
C CYS B 39 -7.94 -12.61 -13.12
C CYS B 39 -7.84 -12.84 -13.22
N VAL B 40 -8.83 -12.74 -14.12
CA VAL B 40 -8.73 -11.94 -15.34
C VAL B 40 -9.83 -10.93 -15.26
N ILE B 41 -9.54 -9.66 -15.54
CA ILE B 41 -10.52 -8.62 -15.65
C ILE B 41 -10.66 -8.23 -17.13
N LEU B 42 -11.88 -8.36 -17.66
CA LEU B 42 -12.19 -7.99 -19.06
C LEU B 42 -12.90 -6.65 -18.98
N ALA B 43 -12.23 -5.59 -19.39
CA ALA B 43 -12.85 -4.27 -19.43
C ALA B 43 -13.70 -4.18 -20.67
N GLY B 44 -14.87 -3.58 -20.55
CA GLY B 44 -15.81 -3.58 -21.65
C GLY B 44 -15.24 -2.91 -22.88
N ASN B 45 -15.34 -3.62 -24.01
CA ASN B 45 -14.87 -3.11 -25.27
C ASN B 45 -15.55 -3.93 -26.37
N ALA B 46 -15.25 -3.62 -27.62
CA ALA B 46 -15.96 -4.24 -28.74
C ALA B 46 -15.08 -5.11 -29.65
N VAL B 47 -13.85 -5.39 -29.20
CA VAL B 47 -12.79 -6.03 -30.03
C VAL B 47 -12.83 -7.54 -29.69
N MET B 48 -13.44 -8.34 -30.56
CA MET B 48 -13.69 -9.75 -30.29
C MET B 48 -12.39 -10.56 -30.02
N PRO B 49 -11.30 -10.31 -30.75
CA PRO B 49 -10.07 -11.04 -30.38
C PRO B 49 -9.62 -10.75 -28.95
N THR B 50 -9.82 -9.51 -28.46
CA THR B 50 -9.48 -9.11 -27.08
C THR B 50 -10.42 -9.84 -26.08
N ILE B 51 -11.71 -9.86 -26.39
CA ILE B 51 -12.75 -10.48 -25.55
C ILE B 51 -12.45 -11.97 -25.47
N ASP B 52 -12.09 -12.54 -26.60
CA ASP B 52 -11.77 -13.97 -26.66
C ASP B 52 -10.48 -14.26 -25.88
N ALA B 53 -9.54 -13.32 -25.84
CA ALA B 53 -8.27 -13.54 -25.15
C ALA B 53 -8.54 -13.65 -23.68
N ALA B 54 -9.50 -12.87 -23.18
CA ALA B 54 -9.84 -12.91 -21.77
C ALA B 54 -10.51 -14.23 -21.40
N CYS B 55 -11.41 -14.67 -22.27
CA CYS B 55 -12.15 -15.88 -22.04
C CYS B 55 -11.21 -17.09 -22.03
N LYS B 56 -10.27 -17.12 -22.97
CA LYS B 56 -9.36 -18.24 -23.10
C LYS B 56 -8.46 -18.35 -21.86
N ILE B 57 -7.91 -17.24 -21.42
CA ILE B 57 -7.03 -17.23 -20.25
C ILE B 57 -7.80 -17.71 -19.04
N ALA B 58 -9.00 -17.17 -18.84
CA ALA B 58 -9.83 -17.60 -17.72
C ALA B 58 -10.18 -19.09 -17.79
N ARG B 59 -10.48 -19.57 -18.99
CA ARG B 59 -10.80 -21.00 -19.15
C ARG B 59 -9.57 -21.88 -18.89
N ASP B 60 -8.48 -21.56 -19.58
CA ASP B 60 -7.24 -22.33 -19.52
C ASP B 60 -6.64 -22.35 -18.12
N GLN B 61 -6.71 -21.25 -17.39
CA GLN B 61 -6.09 -21.17 -16.06
C GLN B 61 -7.00 -21.50 -14.91
N GLN B 62 -8.28 -21.72 -15.25
CA GLN B 62 -9.31 -22.08 -14.30
C GLN B 62 -9.46 -21.04 -13.21
N ILE B 63 -9.40 -19.77 -13.61
CA ILE B 63 -9.54 -18.70 -12.64
C ILE B 63 -10.78 -17.84 -12.94
N PRO B 64 -11.26 -17.09 -11.93
CA PRO B 64 -12.43 -16.29 -12.15
C PRO B 64 -12.22 -15.19 -13.19
N LEU B 65 -13.30 -14.89 -13.90
CA LEU B 65 -13.35 -13.83 -14.91
C LEU B 65 -14.29 -12.74 -14.42
N LEU B 66 -13.74 -11.53 -14.28
CA LEU B 66 -14.47 -10.37 -13.74
C LEU B 66 -14.74 -9.56 -14.96
N ILE B 67 -16.02 -9.43 -15.35
CA ILE B 67 -16.35 -8.65 -16.54
C ILE B 67 -16.92 -7.28 -16.14
N SER B 68 -16.25 -6.21 -16.54
CA SER B 68 -16.57 -4.89 -16.05
C SER B 68 -17.05 -4.03 -17.19
N GLY B 69 -18.34 -3.67 -17.18
CA GLY B 69 -18.85 -2.71 -18.11
C GLY B 69 -20.34 -2.60 -18.10
N GLY B 70 -20.84 -1.38 -17.94
CA GLY B 70 -22.25 -1.10 -18.06
C GLY B 70 -22.64 -0.50 -19.41
N ILE B 71 -22.93 0.82 -19.43
CA ILE B 71 -23.31 1.54 -20.61
C ILE B 71 -22.37 2.74 -20.72
N GLY B 72 -21.69 2.84 -21.84
CA GLY B 72 -20.81 3.97 -22.10
C GLY B 72 -20.46 4.03 -23.55
N HIS B 73 -19.34 4.69 -23.87
CA HIS B 73 -18.97 5.04 -25.25
C HIS B 73 -18.79 3.84 -26.20
N SER B 74 -18.38 2.69 -25.68
N SER B 74 -18.40 2.70 -25.64
CA SER B 74 -18.17 1.53 -26.55
CA SER B 74 -18.11 1.50 -26.41
C SER B 74 -19.39 0.61 -26.70
C SER B 74 -19.31 0.53 -26.53
N THR B 75 -20.45 0.89 -25.95
CA THR B 75 -21.59 -0.04 -25.86
C THR B 75 -22.21 -0.31 -27.23
N THR B 76 -22.46 0.73 -28.02
CA THR B 76 -23.16 0.50 -29.29
C THR B 76 -22.23 -0.23 -30.28
N PHE B 77 -20.93 0.01 -30.14
CA PHE B 77 -19.90 -0.71 -30.92
C PHE B 77 -19.90 -2.23 -30.60
N LEU B 78 -20.00 -2.55 -29.31
CA LEU B 78 -20.19 -3.92 -28.91
C LEU B 78 -21.43 -4.55 -29.50
N TYR B 79 -22.57 -3.85 -29.51
CA TYR B 79 -23.77 -4.35 -30.10
C TYR B 79 -23.54 -4.72 -31.57
N SER B 80 -22.92 -3.82 -32.29
CA SER B 80 -22.56 -4.07 -33.68
C SER B 80 -21.54 -5.19 -33.86
N ALA B 81 -20.67 -5.43 -32.88
CA ALA B 81 -19.63 -6.43 -33.07
C ALA B 81 -20.20 -7.81 -32.88
N ILE B 82 -21.21 -7.90 -32.03
CA ILE B 82 -21.88 -9.14 -31.78
C ILE B 82 -22.75 -9.50 -32.99
N ALA B 83 -23.44 -8.51 -33.54
CA ALA B 83 -24.41 -8.75 -34.59
C ALA B 83 -23.74 -9.22 -35.87
N GLN B 84 -22.49 -8.83 -36.07
CA GLN B 84 -21.76 -9.24 -37.26
C GLN B 84 -20.86 -10.43 -37.00
N HIS B 85 -20.97 -11.07 -35.83
CA HIS B 85 -20.09 -12.19 -35.49
C HIS B 85 -20.69 -13.53 -35.93
N PRO B 86 -19.88 -14.40 -36.60
CA PRO B 86 -20.47 -15.62 -37.17
C PRO B 86 -20.97 -16.62 -36.14
N HIS B 87 -20.56 -16.46 -34.88
CA HIS B 87 -21.07 -17.37 -33.83
C HIS B 87 -21.90 -16.61 -32.80
N TYR B 88 -21.52 -15.38 -32.46
CA TYR B 88 -22.10 -14.72 -31.28
C TYR B 88 -23.32 -13.93 -31.60
N ASN B 89 -23.73 -13.91 -32.88
CA ASN B 89 -24.96 -13.27 -33.28
C ASN B 89 -26.25 -13.77 -32.60
N THR B 90 -26.20 -14.93 -31.95
CA THR B 90 -27.31 -15.42 -31.19
C THR B 90 -27.51 -14.73 -29.84
N ILE B 91 -26.56 -13.89 -29.44
CA ILE B 91 -26.63 -13.22 -28.16
C ILE B 91 -27.42 -11.92 -28.35
N ARG B 92 -28.46 -11.73 -27.55
CA ARG B 92 -29.22 -10.45 -27.52
C ARG B 92 -28.35 -9.26 -27.07
N THR B 93 -28.52 -8.10 -27.70
CA THR B 93 -27.67 -6.95 -27.43
C THR B 93 -28.45 -5.74 -26.93
N THR B 94 -29.26 -5.19 -27.80
CA THR B 94 -29.82 -3.87 -27.57
C THR B 94 -30.51 -3.81 -26.20
N GLY B 95 -30.22 -2.77 -25.43
CA GLY B 95 -30.78 -2.63 -24.09
C GLY B 95 -30.05 -3.29 -22.92
N ARG B 96 -29.06 -4.13 -23.20
CA ARG B 96 -28.32 -4.83 -22.20
C ARG B 96 -27.01 -4.13 -21.91
N ALA B 97 -26.50 -4.33 -20.70
CA ALA B 97 -25.18 -3.80 -20.36
C ALA B 97 -24.09 -4.63 -21.04
N GLU B 98 -22.94 -4.00 -21.29
CA GLU B 98 -21.76 -4.68 -21.87
C GLU B 98 -21.42 -5.96 -21.15
N ALA B 99 -21.39 -5.91 -19.81
CA ALA B 99 -20.92 -7.10 -19.07
C ALA B 99 -21.86 -8.27 -19.20
N THR B 100 -23.16 -8.01 -19.35
CA THR B 100 -24.19 -9.09 -19.46
C THR B 100 -23.98 -9.83 -20.81
N ILE B 101 -23.69 -9.07 -21.83
CA ILE B 101 -23.50 -9.59 -23.22
C ILE B 101 -22.21 -10.42 -23.25
N LEU B 102 -21.14 -9.87 -22.68
CA LEU B 102 -19.80 -10.50 -22.65
C LEU B 102 -19.82 -11.78 -21.77
N ALA B 103 -20.69 -11.80 -20.78
CA ALA B 103 -20.85 -12.99 -19.95
C ALA B 103 -21.54 -14.13 -20.71
N ASP B 104 -22.39 -13.77 -21.65
CA ASP B 104 -22.95 -14.74 -22.57
C ASP B 104 -21.88 -15.37 -23.45
N ILE B 105 -20.94 -14.59 -23.99
CA ILE B 105 -19.84 -15.19 -24.69
C ILE B 105 -19.04 -16.15 -23.83
N ALA B 106 -18.70 -15.69 -22.62
CA ALA B 106 -17.87 -16.48 -21.73
C ALA B 106 -18.53 -17.80 -21.34
N HIS B 107 -19.81 -17.73 -21.03
CA HIS B 107 -20.52 -18.93 -20.58
C HIS B 107 -20.99 -19.78 -21.75
N GLN B 108 -21.79 -19.22 -22.64
CA GLN B 108 -22.41 -20.06 -23.70
C GLN B 108 -21.41 -20.63 -24.73
N PHE B 109 -20.36 -19.87 -25.05
CA PHE B 109 -19.43 -20.24 -26.08
C PHE B 109 -18.09 -20.70 -25.57
N TRP B 110 -17.61 -20.19 -24.45
CA TRP B 110 -16.34 -20.72 -23.88
C TRP B 110 -16.58 -21.69 -22.74
N HIS B 111 -17.82 -21.87 -22.34
CA HIS B 111 -18.25 -22.84 -21.32
C HIS B 111 -17.64 -22.62 -19.93
N ILE B 112 -17.36 -21.36 -19.61
CA ILE B 112 -16.88 -20.98 -18.29
C ILE B 112 -18.11 -21.05 -17.41
N PRO B 113 -18.04 -21.80 -16.30
CA PRO B 113 -19.21 -21.91 -15.42
C PRO B 113 -19.67 -20.57 -14.83
N HIS B 114 -20.97 -20.41 -14.62
CA HIS B 114 -21.52 -19.25 -13.91
C HIS B 114 -20.77 -18.87 -12.61
N GLU B 115 -20.35 -19.86 -11.82
CA GLU B 115 -19.68 -19.59 -10.52
C GLU B 115 -18.27 -19.01 -10.66
N LYS B 116 -17.77 -18.97 -11.89
CA LYS B 116 -16.46 -18.42 -12.19
C LYS B 116 -16.56 -17.13 -12.97
N ILE B 117 -17.77 -16.62 -13.16
CA ILE B 117 -17.96 -15.34 -13.84
C ILE B 117 -18.51 -14.33 -12.81
N TRP B 118 -17.82 -13.20 -12.68
CA TRP B 118 -18.26 -12.11 -11.77
C TRP B 118 -18.64 -10.92 -12.62
N ILE B 119 -19.90 -10.52 -12.55
CA ILE B 119 -20.46 -9.48 -13.41
C ILE B 119 -20.53 -8.12 -12.71
N GLU B 120 -19.86 -7.15 -13.31
CA GLU B 120 -19.89 -5.77 -12.88
C GLU B 120 -20.52 -5.00 -14.02
N ASP B 121 -21.81 -4.74 -13.93
CA ASP B 121 -22.55 -4.29 -15.09
C ASP B 121 -23.04 -2.83 -14.98
N GLN B 122 -22.31 -2.00 -14.25
CA GLN B 122 -22.78 -0.62 -13.99
C GLN B 122 -21.84 0.48 -14.39
N SER B 123 -20.58 0.15 -14.58
CA SER B 123 -19.57 1.19 -14.96
C SER B 123 -19.84 1.92 -16.30
N THR B 124 -19.47 3.21 -16.42
CA THR B 124 -19.82 4.00 -17.56
C THR B 124 -18.65 4.57 -18.31
N ASN B 125 -17.44 4.36 -17.75
CA ASN B 125 -16.23 4.81 -18.35
C ASN B 125 -15.10 4.04 -17.71
N CYS B 126 -13.92 4.28 -18.24
N CYS B 126 -13.91 4.22 -18.26
CA CYS B 126 -12.71 3.57 -17.87
CA CYS B 126 -12.71 3.49 -17.81
C CYS B 126 -12.37 3.66 -16.37
C CYS B 126 -12.47 3.62 -16.31
N GLY B 127 -12.55 4.84 -15.80
CA GLY B 127 -12.32 5.08 -14.41
C GLY B 127 -13.26 4.28 -13.52
N GLU B 128 -14.49 4.14 -13.95
CA GLU B 128 -15.48 3.34 -13.22
C GLU B 128 -15.26 1.85 -13.39
N ASN B 129 -14.88 1.41 -14.58
CA ASN B 129 -14.45 0.01 -14.81
C ASN B 129 -13.39 -0.33 -13.77
N ALA B 130 -12.40 0.54 -13.63
CA ALA B 130 -11.32 0.25 -12.70
C ALA B 130 -11.79 0.31 -11.27
N ARG B 131 -12.50 1.38 -10.90
CA ARG B 131 -12.88 1.56 -9.50
C ARG B 131 -13.81 0.45 -9.03
N PHE B 132 -14.74 0.08 -9.89
CA PHE B 132 -15.82 -0.85 -9.52
C PHE B 132 -15.27 -2.26 -9.47
N SER B 133 -14.34 -2.58 -10.39
CA SER B 133 -13.60 -3.85 -10.38
C SER B 133 -12.80 -3.95 -9.09
N ILE B 134 -12.08 -2.89 -8.77
CA ILE B 134 -11.33 -2.91 -7.54
C ILE B 134 -12.25 -3.15 -6.30
N ALA B 135 -13.44 -2.56 -6.28
CA ALA B 135 -14.34 -2.71 -5.16
C ALA B 135 -14.83 -4.12 -5.06
N LEU B 136 -15.11 -4.78 -6.20
CA LEU B 136 -15.54 -6.21 -6.19
C LEU B 136 -14.40 -7.13 -5.78
N LEU B 137 -13.17 -6.86 -6.26
CA LEU B 137 -12.01 -7.65 -5.83
C LEU B 137 -11.73 -7.55 -4.33
N ASN B 138 -11.96 -6.37 -3.78
CA ASN B 138 -11.75 -6.12 -2.35
C ASN B 138 -12.74 -6.91 -1.51
N GLN B 139 -13.84 -7.36 -2.08
CA GLN B 139 -14.85 -8.15 -1.35
C GLN B 139 -14.57 -9.64 -1.25
N ALA B 140 -13.55 -10.10 -1.97
CA ALA B 140 -13.24 -11.52 -2.08
C ALA B 140 -12.78 -12.01 -0.74
N VAL B 141 -13.29 -13.18 -0.36
CA VAL B 141 -12.74 -13.95 0.74
C VAL B 141 -11.40 -14.48 0.27
N GLU B 142 -11.43 -15.26 -0.80
CA GLU B 142 -10.22 -15.76 -1.47
C GLU B 142 -9.49 -14.60 -2.14
N ARG B 143 -8.59 -13.95 -1.40
CA ARG B 143 -7.91 -12.73 -1.86
C ARG B 143 -7.26 -12.88 -3.23
N VAL B 144 -7.25 -11.79 -4.00
CA VAL B 144 -6.54 -11.70 -5.27
C VAL B 144 -5.29 -10.82 -5.13
N HIS B 145 -4.14 -11.41 -5.44
CA HIS B 145 -2.85 -10.72 -5.41
C HIS B 145 -2.43 -10.18 -6.76
N THR B 146 -2.84 -10.88 -7.82
CA THR B 146 -2.42 -10.55 -9.16
C THR B 146 -3.64 -10.67 -10.07
N ALA B 147 -3.90 -9.64 -10.87
CA ALA B 147 -5.02 -9.74 -11.85
C ALA B 147 -4.52 -9.36 -13.22
N ILE B 148 -4.92 -10.11 -14.24
CA ILE B 148 -4.66 -9.73 -15.64
C ILE B 148 -5.77 -8.82 -16.19
N VAL B 149 -5.40 -7.66 -16.72
CA VAL B 149 -6.34 -6.69 -17.24
C VAL B 149 -6.34 -6.77 -18.79
N VAL B 150 -7.53 -7.03 -19.36
CA VAL B 150 -7.70 -7.24 -20.79
C VAL B 150 -8.63 -6.13 -21.30
N GLN B 151 -8.07 -5.28 -22.16
CA GLN B 151 -8.74 -4.11 -22.70
C GLN B 151 -8.42 -3.97 -24.20
N ASP B 152 -9.34 -3.38 -24.95
CA ASP B 152 -9.06 -2.84 -26.34
C ASP B 152 -7.63 -2.33 -26.30
N PRO B 153 -6.72 -2.83 -27.22
CA PRO B 153 -5.31 -2.40 -27.23
C PRO B 153 -5.10 -0.89 -27.29
N THR B 154 -6.01 -0.11 -27.89
CA THR B 154 -5.76 1.35 -27.97
C THR B 154 -5.85 1.96 -26.57
N MET B 155 -6.63 1.34 -25.70
CA MET B 155 -6.90 1.92 -24.36
C MET B 155 -6.20 1.13 -23.22
N GLN B 156 -5.40 0.13 -23.56
CA GLN B 156 -4.67 -0.64 -22.59
C GLN B 156 -3.80 0.28 -21.72
N ARG B 157 -2.98 1.15 -22.33
CA ARG B 157 -2.08 2.03 -21.57
C ARG B 157 -2.83 2.92 -20.57
N ARG B 158 -3.90 3.55 -20.98
CA ARG B 158 -4.70 4.39 -20.05
C ARG B 158 -5.33 3.56 -18.95
N THR B 159 -5.85 2.40 -19.33
CA THR B 159 -6.57 1.54 -18.40
C THR B 159 -5.64 1.11 -17.28
N MET B 160 -4.44 0.70 -17.66
CA MET B 160 -3.44 0.34 -16.68
C MET B 160 -3.05 1.50 -15.79
N ALA B 161 -2.90 2.69 -16.36
CA ALA B 161 -2.53 3.89 -15.57
C ALA B 161 -3.65 4.34 -14.62
N THR B 162 -4.89 4.05 -15.00
CA THR B 162 -6.06 4.28 -14.17
C THR B 162 -6.05 3.33 -12.96
N PHE B 163 -5.91 2.05 -13.24
CA PHE B 163 -5.79 1.06 -12.16
C PHE B 163 -4.69 1.40 -11.19
N ARG B 164 -3.52 1.75 -11.71
CA ARG B 164 -2.37 2.07 -10.85
C ARG B 164 -2.49 3.41 -10.12
N ARG B 165 -3.34 4.29 -10.62
CA ARG B 165 -3.64 5.53 -9.92
C ARG B 165 -4.40 5.18 -8.65
N MET B 166 -5.20 4.12 -8.71
CA MET B 166 -6.11 3.81 -7.63
C MET B 166 -5.44 3.09 -6.51
N THR B 167 -4.48 2.22 -6.84
CA THR B 167 -3.87 1.33 -5.87
C THR B 167 -2.36 1.47 -5.77
N GLY B 168 -1.72 2.14 -6.71
CA GLY B 168 -0.27 2.03 -6.86
C GLY B 168 0.16 0.61 -7.22
N ASP B 169 1.45 0.47 -7.53
CA ASP B 169 1.96 -0.85 -7.93
C ASP B 169 3.45 -0.95 -7.67
N ASN B 170 3.95 -2.19 -7.72
CA ASN B 170 5.34 -2.52 -7.44
C ASN B 170 5.98 -3.03 -8.72
N PRO B 171 6.95 -2.26 -9.26
CA PRO B 171 7.63 -2.69 -10.49
C PRO B 171 8.28 -4.07 -10.38
N ASP B 172 8.65 -4.46 -9.16
CA ASP B 172 9.28 -5.75 -8.91
C ASP B 172 8.26 -6.88 -8.66
N ALA B 173 7.00 -6.53 -8.51
CA ALA B 173 5.92 -7.47 -8.21
C ALA B 173 4.62 -6.83 -8.64
N PRO B 174 4.42 -6.69 -9.96
CA PRO B 174 3.15 -6.04 -10.35
C PRO B 174 1.92 -6.85 -10.00
N ARG B 175 0.98 -6.21 -9.31
CA ARG B 175 -0.33 -6.78 -9.02
C ARG B 175 -1.26 -6.72 -10.25
N TRP B 176 -1.01 -5.77 -11.16
CA TRP B 176 -1.82 -5.63 -12.37
C TRP B 176 -0.96 -5.96 -13.58
N LEU B 177 -1.37 -6.98 -14.33
CA LEU B 177 -0.64 -7.40 -15.50
C LEU B 177 -1.48 -6.97 -16.70
N SER B 178 -0.88 -6.90 -17.87
CA SER B 178 -1.55 -6.30 -19.02
C SER B 178 -1.57 -7.24 -20.19
N TYR B 179 -2.72 -7.48 -20.78
CA TYR B 179 -2.84 -8.47 -21.86
C TYR B 179 -4.00 -8.08 -22.76
N PRO B 180 -3.77 -7.15 -23.71
CA PRO B 180 -4.79 -6.79 -24.68
C PRO B 180 -5.06 -7.88 -25.72
N GLY B 181 -4.10 -8.77 -25.95
CA GLY B 181 -4.34 -9.92 -26.86
C GLY B 181 -3.55 -9.89 -28.12
N PHE B 182 -3.14 -8.69 -28.55
CA PHE B 182 -2.39 -8.48 -29.76
C PHE B 182 -1.89 -7.05 -29.78
N VAL B 183 -0.96 -6.78 -30.70
CA VAL B 183 -0.37 -5.47 -30.92
C VAL B 183 -0.80 -5.02 -32.33
N PRO B 184 -1.73 -4.04 -32.40
CA PRO B 184 -2.28 -3.70 -33.70
C PRO B 184 -1.23 -3.14 -34.63
N GLN B 185 -1.23 -3.62 -35.86
CA GLN B 185 -0.24 -3.18 -36.86
C GLN B 185 -0.98 -2.97 -38.18
N LEU B 186 -0.69 -1.84 -38.81
CA LEU B 186 -1.21 -1.45 -40.12
C LEU B 186 -0.15 -1.52 -41.20
N GLY B 187 -0.62 -1.66 -42.43
CA GLY B 187 0.27 -1.63 -43.58
C GLY B 187 -0.51 -1.16 -44.80
N ASN B 188 0.21 -0.78 -45.85
CA ASN B 188 -0.39 -0.44 -47.15
C ASN B 188 -0.65 -1.71 -47.96
N ASN B 189 -1.82 -1.78 -48.60
CA ASN B 189 -2.18 -2.87 -49.50
C ASN B 189 -3.09 -2.37 -50.63
N ALA B 190 -2.66 -2.56 -51.88
CA ALA B 190 -3.49 -2.25 -53.06
C ALA B 190 -4.38 -1.03 -52.87
N ASP B 191 -3.79 0.16 -52.89
CA ASP B 191 -4.59 1.38 -52.91
C ASP B 191 -5.22 1.72 -51.55
N SER B 192 -4.95 0.91 -50.52
CA SER B 192 -5.52 1.18 -49.21
C SER B 192 -4.61 0.80 -48.02
N VAL B 193 -5.04 1.19 -46.82
CA VAL B 193 -4.41 0.80 -45.54
C VAL B 193 -5.26 -0.33 -44.93
N ILE B 194 -4.59 -1.38 -44.46
CA ILE B 194 -5.25 -2.54 -43.85
C ILE B 194 -4.49 -2.97 -42.58
N PHE B 195 -5.10 -3.84 -41.77
CA PHE B 195 -4.37 -4.40 -40.65
C PHE B 195 -3.57 -5.58 -41.09
N ILE B 196 -2.38 -5.70 -40.54
CA ILE B 196 -1.53 -6.86 -40.78
C ILE B 196 -1.90 -8.02 -39.87
N ASN B 197 -2.52 -7.72 -38.73
CA ASN B 197 -2.96 -8.83 -37.82
C ASN B 197 -4.02 -9.58 -38.57
N GLN B 198 -3.83 -10.88 -38.70
CA GLN B 198 -4.82 -11.73 -39.35
C GLN B 198 -5.86 -12.11 -38.35
N LEU B 199 -6.66 -11.11 -37.94
CA LEU B 199 -7.69 -11.30 -36.91
C LEU B 199 -9.02 -10.73 -37.40
N GLN B 200 -10.11 -11.47 -37.13
CA GLN B 200 -11.46 -11.03 -37.45
C GLN B 200 -12.03 -10.16 -36.31
N GLY B 201 -12.85 -9.18 -36.65
CA GLY B 201 -13.52 -8.36 -35.63
C GLY B 201 -12.79 -7.07 -35.27
N LEU B 202 -11.77 -6.69 -36.05
CA LEU B 202 -11.02 -5.44 -35.75
C LEU B 202 -11.81 -4.17 -36.14
N TRP B 203 -11.46 -3.05 -35.48
CA TRP B 203 -12.03 -1.74 -35.81
C TRP B 203 -11.76 -1.42 -37.26
N PRO B 204 -12.66 -0.69 -37.92
CA PRO B 204 -12.22 -0.14 -39.18
C PRO B 204 -11.03 0.78 -38.92
N VAL B 205 -10.12 0.84 -39.87
CA VAL B 205 -8.94 1.71 -39.78
C VAL B 205 -9.29 3.10 -39.24
N GLU B 206 -10.36 3.69 -39.77
CA GLU B 206 -10.80 5.01 -39.35
C GLU B 206 -11.06 5.09 -37.87
N ARG B 207 -11.77 4.10 -37.34
CA ARG B 207 -12.16 4.07 -35.95
C ARG B 207 -10.91 3.88 -35.08
N TYR B 208 -10.02 3.00 -35.50
CA TYR B 208 -8.78 2.70 -34.78
C TYR B 208 -7.96 3.99 -34.65
N LEU B 209 -7.82 4.70 -35.76
CA LEU B 209 -7.06 5.92 -35.78
C LEU B 209 -7.68 7.02 -34.88
N SER B 210 -9.01 7.13 -34.90
CA SER B 210 -9.73 8.05 -34.03
C SER B 210 -9.46 7.73 -32.54
N LEU B 211 -9.51 6.45 -32.18
CA LEU B 211 -9.22 6.05 -30.83
C LEU B 211 -7.77 6.37 -30.47
N LEU B 212 -6.84 6.02 -31.38
CA LEU B 212 -5.42 6.07 -31.10
C LEU B 212 -5.01 7.52 -30.92
N THR B 213 -5.50 8.39 -31.79
CA THR B 213 -5.22 9.83 -31.66
C THR B 213 -5.95 10.49 -30.47
N GLY B 214 -7.09 9.93 -30.06
CA GLY B 214 -7.83 10.43 -28.90
C GLY B 214 -7.13 10.14 -27.57
N GLU B 215 -6.39 9.04 -27.48
CA GLU B 215 -5.67 8.66 -26.24
C GLU B 215 -4.45 9.52 -25.90
N LEU B 216 -3.79 10.07 -26.92
CA LEU B 216 -2.52 10.76 -26.72
C LEU B 216 -2.61 12.01 -25.82
N PRO B 217 -3.54 12.95 -26.12
CA PRO B 217 -3.82 14.08 -25.20
C PRO B 217 -4.30 13.71 -23.79
N ARG B 218 -4.98 12.59 -23.67
CA ARG B 218 -5.41 12.11 -22.37
C ARG B 218 -4.19 11.66 -21.55
N LEU B 219 -3.31 10.91 -22.17
CA LEU B 219 -2.12 10.39 -21.51
C LEU B 219 -1.13 11.50 -21.14
N ARG B 220 -1.11 12.53 -21.98
CA ARG B 220 -0.19 13.66 -21.80
C ARG B 220 -0.46 14.42 -20.51
N ASP B 221 0.54 14.44 -19.62
CA ASP B 221 0.38 15.03 -18.29
C ASP B 221 0.54 16.54 -18.30
N ASP B 222 -0.45 17.22 -18.86
CA ASP B 222 -0.53 18.67 -18.81
C ASP B 222 -1.89 19.05 -18.23
N SER B 223 -2.22 20.34 -18.22
CA SER B 223 -3.48 20.80 -17.62
C SER B 223 -4.70 20.22 -18.32
N ASP B 224 -4.55 19.85 -19.59
CA ASP B 224 -5.65 19.27 -20.35
C ASP B 224 -5.70 17.71 -20.32
N GLY B 225 -4.68 17.05 -19.77
CA GLY B 225 -4.66 15.58 -19.70
C GLY B 225 -5.40 14.96 -18.52
N TYR B 226 -5.41 13.63 -18.49
CA TYR B 226 -6.00 12.86 -17.38
C TYR B 226 -5.02 12.65 -16.22
N GLY B 227 -3.79 13.14 -16.37
CA GLY B 227 -2.74 12.89 -15.40
C GLY B 227 -2.86 13.80 -14.20
N PRO B 228 -1.87 13.72 -13.29
CA PRO B 228 -1.89 14.51 -12.05
C PRO B 228 -1.86 16.03 -12.23
N ARG B 229 -1.40 16.52 -13.39
CA ARG B 229 -1.45 17.94 -13.70
C ARG B 229 -2.79 18.35 -14.32
N GLY B 230 -3.63 17.38 -14.69
CA GLY B 230 -4.95 17.64 -15.25
C GLY B 230 -6.03 17.10 -14.33
N ARG B 231 -6.80 16.13 -14.85
CA ARG B 231 -7.95 15.59 -14.13
C ARG B 231 -7.63 14.67 -12.99
N ASP B 232 -6.39 14.20 -12.95
CA ASP B 232 -5.89 13.34 -11.89
C ASP B 232 -6.63 12.01 -11.83
N PHE B 233 -6.99 11.51 -13.01
CA PHE B 233 -7.62 10.18 -13.15
C PHE B 233 -6.59 9.06 -13.29
N ILE B 234 -5.42 9.38 -13.83
CA ILE B 234 -4.35 8.37 -14.06
C ILE B 234 -3.00 8.84 -13.51
N VAL B 235 -2.04 7.92 -13.42
CA VAL B 235 -0.70 8.27 -12.98
C VAL B 235 -0.01 9.04 -14.09
N HIS B 236 1.10 9.69 -13.73
CA HIS B 236 1.97 10.35 -14.72
C HIS B 236 2.48 9.36 -15.76
N VAL B 237 2.37 9.73 -17.03
CA VAL B 237 2.81 8.90 -18.14
C VAL B 237 4.01 9.57 -18.76
N ASP B 238 5.14 8.87 -18.79
CA ASP B 238 6.32 9.36 -19.47
C ASP B 238 6.22 8.98 -20.93
N PHE B 239 6.39 9.94 -21.82
CA PHE B 239 6.33 9.65 -23.25
C PHE B 239 7.72 9.42 -23.78
N PRO B 240 8.01 8.22 -24.29
CA PRO B 240 9.27 7.95 -25.00
C PRO B 240 9.50 8.92 -26.15
N ALA B 241 10.76 9.15 -26.46
CA ALA B 241 11.13 10.08 -27.55
C ALA B 241 10.51 9.66 -28.89
N GLU B 242 10.49 8.36 -29.18
CA GLU B 242 10.00 7.88 -30.45
C GLU B 242 8.49 8.03 -30.64
N VAL B 243 7.77 7.95 -29.52
CA VAL B 243 6.34 8.24 -29.51
C VAL B 243 6.07 9.72 -29.76
N ILE B 244 6.84 10.58 -29.11
CA ILE B 244 6.72 12.02 -29.37
C ILE B 244 6.97 12.32 -30.86
N HIS B 245 8.07 11.83 -31.42
CA HIS B 245 8.38 11.98 -32.87
C HIS B 245 7.27 11.45 -33.78
N ALA B 246 6.73 10.27 -33.45
CA ALA B 246 5.64 9.70 -34.23
C ALA B 246 4.43 10.60 -34.20
N TRP B 247 4.06 11.08 -33.01
CA TRP B 247 2.97 12.03 -32.84
C TRP B 247 3.15 13.25 -33.73
N GLN B 248 4.35 13.80 -33.74
CA GLN B 248 4.57 14.97 -34.58
C GLN B 248 4.44 14.66 -36.07
N THR B 249 4.90 13.47 -36.48
CA THR B 249 4.74 13.01 -37.85
C THR B 249 3.25 12.91 -38.22
N LEU B 250 2.41 12.50 -37.26
CA LEU B 250 0.97 12.37 -37.55
C LEU B 250 0.30 13.74 -37.67
N LYS B 251 0.67 14.63 -36.77
CA LYS B 251 0.17 16.01 -36.81
C LYS B 251 0.50 16.72 -38.11
N HIS B 252 1.55 16.27 -38.80
CA HIS B 252 2.02 16.99 -40.00
C HIS B 252 1.78 16.27 -41.32
N ASP B 253 1.05 15.16 -41.27
CA ASP B 253 0.62 14.45 -42.47
C ASP B 253 -0.74 15.01 -42.94
N ALA B 254 -0.74 15.76 -44.05
CA ALA B 254 -1.99 16.40 -44.54
C ALA B 254 -2.95 15.42 -45.19
N VAL B 255 -2.40 14.35 -45.75
CA VAL B 255 -3.21 13.31 -46.37
C VAL B 255 -3.99 12.57 -45.28
N LEU B 256 -3.31 12.25 -44.18
CA LEU B 256 -3.94 11.62 -43.01
C LEU B 256 -5.06 12.49 -42.46
N ILE B 257 -4.80 13.79 -42.28
CA ILE B 257 -5.81 14.66 -41.68
C ILE B 257 -7.09 14.75 -42.53
N GLU B 258 -6.95 14.96 -43.85
CA GLU B 258 -8.12 14.99 -44.74
C GLU B 258 -8.92 13.71 -44.61
N ALA B 259 -8.23 12.59 -44.72
CA ALA B 259 -8.84 11.26 -44.60
C ALA B 259 -9.60 11.04 -43.28
N MET B 260 -9.08 11.55 -42.18
N MET B 260 -9.08 11.55 -42.18
CA MET B 260 -9.73 11.41 -40.88
CA MET B 260 -9.78 11.42 -40.89
C MET B 260 -10.92 12.38 -40.73
C MET B 260 -10.97 12.35 -40.81
N GLU B 261 -10.80 13.57 -41.33
CA GLU B 261 -11.85 14.57 -41.28
C GLU B 261 -12.99 14.31 -42.26
N SER B 262 -12.68 13.72 -43.42
CA SER B 262 -13.70 13.34 -44.43
C SER B 262 -14.63 12.25 -43.95
N ARG B 263 -14.19 11.49 -42.94
CA ARG B 263 -14.97 10.38 -42.39
C ARG B 263 -15.46 10.72 -40.98
#